data_9D9R
#
_entry.id   9D9R
#
_cell.length_a   70.460
_cell.length_b   70.460
_cell.length_c   159.141
_cell.angle_alpha   90.00
_cell.angle_beta   90.00
_cell.angle_gamma   120.00
#
_symmetry.space_group_name_H-M   'P 32 2 1'
#
loop_
_entity.id
_entity.type
_entity.pdbx_description
1 polymer 'Homeobox protein aristaless-like 4'
2 polymer "DNA (5'-D(*CP*GP*CP*TP*AP*AP*TP*TP*CP*AP*AP*TP*TP*AP*AP*CP*G)-3')"
3 polymer "DNA (5'-D(*CP*GP*TP*TP*AP*AP*TP*TP*GP*AP*AP*TP*TP*AP*GP*CP*G)-3')"
4 non-polymer 1,2-ETHANEDIOL
5 water water
#
loop_
_entity_poly.entity_id
_entity_poly.type
_entity_poly.pdbx_seq_one_letter_code
_entity_poly.pdbx_strand_id
1 'polypeptide(L)' GPAAASNKGKKRRNRTTFTSYQLEELEKVFQKTHYPDVYAREQLAMRTDLTEARVQVWFQNRRAKWRKRERWSHPQFEK A,B
2 'polydeoxyribonucleotide' (DC)(DG)(DC)(DT)(DA)(DA)(DT)(DT)(DC)(DA)(DA)(DT)(DT)(DA)(DA)(DC)(DG) C
3 'polydeoxyribonucleotide' (DC)(DG)(DT)(DT)(DA)(DA)(DT)(DT)(DG)(DA)(DA)(DT)(DT)(DA)(DG)(DC)(DG) D
#
# COMPACT_ATOMS: atom_id res chain seq x y z
N ASN A 7 5.61 -19.13 -10.53
CA ASN A 7 6.64 -18.10 -10.54
C ASN A 7 6.96 -17.57 -9.11
N LYS A 8 8.25 -17.29 -8.81
CA LYS A 8 8.63 -16.83 -7.47
C LYS A 8 8.90 -15.32 -7.38
N GLY A 9 8.19 -14.65 -6.50
CA GLY A 9 8.34 -13.21 -6.31
C GLY A 9 9.59 -12.81 -5.56
N LYS A 10 10.00 -11.53 -5.72
CA LYS A 10 11.19 -10.96 -5.07
C LYS A 10 10.99 -10.84 -3.55
N LYS A 11 12.09 -10.64 -2.78
CA LYS A 11 12.05 -10.49 -1.32
C LYS A 11 10.91 -9.57 -0.83
N ARG A 12 9.97 -10.13 -0.07
CA ARG A 12 8.83 -9.39 0.42
C ARG A 12 8.84 -9.17 1.92
N ARG A 13 8.08 -8.15 2.38
CA ARG A 13 7.92 -7.79 3.78
C ARG A 13 7.50 -8.99 4.61
N ASN A 14 8.10 -9.17 5.80
CA ASN A 14 7.79 -10.29 6.68
C ASN A 14 6.32 -10.28 7.06
N ARG A 15 5.62 -11.41 6.86
CA ARG A 15 4.19 -11.57 7.14
C ARG A 15 3.83 -11.13 8.54
N THR A 16 3.04 -10.07 8.65
CA THR A 16 2.65 -9.50 9.93
C THR A 16 1.72 -10.43 10.70
N THR A 17 2.10 -10.78 11.92
CA THR A 17 1.28 -11.61 12.79
C THR A 17 0.55 -10.64 13.72
N PHE A 18 -0.78 -10.55 13.58
CA PHE A 18 -1.60 -9.65 14.40
C PHE A 18 -1.92 -10.28 15.75
N THR A 19 -2.28 -9.43 16.73
CA THR A 19 -2.65 -9.94 18.06
C THR A 19 -4.18 -10.09 18.17
N SER A 20 -4.66 -10.81 19.20
CA SER A 20 -6.09 -11.05 19.42
C SER A 20 -6.86 -9.73 19.51
N TYR A 21 -6.25 -8.75 20.20
CA TYR A 21 -6.77 -7.40 20.42
C TYR A 21 -6.88 -6.68 19.08
N GLN A 22 -5.81 -6.72 18.29
CA GLN A 22 -5.76 -6.06 16.99
C GLN A 22 -6.85 -6.58 16.05
N LEU A 23 -7.00 -7.90 15.91
CA LEU A 23 -8.01 -8.49 15.04
C LEU A 23 -9.43 -8.15 15.47
N GLU A 24 -9.69 -8.18 16.78
CA GLU A 24 -11.00 -7.85 17.34
C GLU A 24 -11.33 -6.37 17.11
N GLU A 25 -10.32 -5.50 17.28
CA GLU A 25 -10.49 -4.08 17.10
C GLU A 25 -10.72 -3.69 15.64
N LEU A 26 -10.01 -4.35 14.72
CA LEU A 26 -10.16 -4.08 13.30
C LEU A 26 -11.55 -4.52 12.82
N GLU A 27 -12.00 -5.70 13.27
CA GLU A 27 -13.29 -6.27 12.92
C GLU A 27 -14.46 -5.39 13.37
N LYS A 28 -14.34 -4.68 14.51
CA LYS A 28 -15.39 -3.78 14.97
C LYS A 28 -15.59 -2.63 13.97
N VAL A 29 -14.49 -2.11 13.41
CA VAL A 29 -14.50 -1.03 12.42
C VAL A 29 -15.04 -1.52 11.08
N PHE A 30 -14.70 -2.77 10.71
CA PHE A 30 -15.19 -3.39 9.47
C PHE A 30 -16.72 -3.51 9.49
N GLN A 31 -17.30 -3.84 10.66
CA GLN A 31 -18.74 -3.98 10.82
C GLN A 31 -19.47 -2.64 10.64
N LYS A 32 -18.80 -1.53 11.00
CA LYS A 32 -19.35 -0.19 10.83
C LYS A 32 -19.27 0.20 9.36
N THR A 33 -18.09 -0.05 8.72
CA THR A 33 -17.88 0.25 7.30
C THR A 33 -16.77 -0.58 6.72
N HIS A 34 -16.97 -1.10 5.50
CA HIS A 34 -15.94 -1.89 4.82
C HIS A 34 -14.86 -0.99 4.19
N TYR A 35 -15.19 0.29 3.93
CA TYR A 35 -14.26 1.23 3.29
C TYR A 35 -14.03 2.42 4.21
N PRO A 36 -13.11 2.28 5.17
CA PRO A 36 -12.87 3.40 6.10
C PRO A 36 -11.97 4.46 5.46
N ASP A 37 -12.33 5.76 5.60
CA ASP A 37 -11.49 6.82 5.04
C ASP A 37 -10.10 6.81 5.70
N VAL A 38 -9.12 7.55 5.12
CA VAL A 38 -7.75 7.66 5.64
C VAL A 38 -7.76 7.99 7.14
N TYR A 39 -8.58 8.98 7.56
CA TYR A 39 -8.73 9.38 8.96
C TYR A 39 -9.14 8.21 9.84
N ALA A 40 -10.15 7.45 9.45
CA ALA A 40 -10.61 6.30 10.24
C ALA A 40 -9.49 5.26 10.38
N ARG A 41 -8.76 5.01 9.30
CA ARG A 41 -7.68 4.03 9.31
C ARG A 41 -6.50 4.50 10.15
N GLU A 42 -6.23 5.82 10.17
CA GLU A 42 -5.13 6.41 10.95
C GLU A 42 -5.41 6.33 12.45
N GLN A 43 -6.67 6.52 12.84
CA GLN A 43 -7.08 6.41 14.24
C GLN A 43 -7.05 4.94 14.70
N LEU A 44 -7.29 3.99 13.79
CA LEU A 44 -7.21 2.57 14.08
C LEU A 44 -5.73 2.17 14.18
N ALA A 45 -4.87 2.73 13.32
CA ALA A 45 -3.44 2.48 13.29
C ALA A 45 -2.77 2.94 14.58
N MET A 46 -3.22 4.07 15.15
CA MET A 46 -2.63 4.54 16.40
C MET A 46 -3.17 3.74 17.59
N ARG A 47 -4.50 3.51 17.65
CA ARG A 47 -5.19 2.78 18.72
C ARG A 47 -4.73 1.32 18.85
N THR A 48 -4.35 0.72 17.73
CA THR A 48 -3.90 -0.67 17.73
C THR A 48 -2.37 -0.83 17.67
N ASP A 49 -1.62 0.28 17.51
CA ASP A 49 -0.16 0.26 17.39
C ASP A 49 0.26 -0.49 16.12
N LEU A 50 -0.44 -0.19 15.02
CA LEU A 50 -0.19 -0.72 13.67
C LEU A 50 0.15 0.46 12.75
N THR A 51 0.65 0.20 11.54
CA THR A 51 0.89 1.27 10.58
C THR A 51 -0.38 1.45 9.75
N GLU A 52 -0.69 2.66 9.28
CA GLU A 52 -1.87 2.89 8.43
C GLU A 52 -1.86 1.94 7.19
N ALA A 53 -0.65 1.59 6.73
CA ALA A 53 -0.45 0.64 5.64
C ALA A 53 -0.94 -0.76 6.01
N ARG A 54 -0.53 -1.33 7.18
CA ARG A 54 -1.02 -2.67 7.56
C ARG A 54 -2.51 -2.72 7.78
N VAL A 55 -3.11 -1.60 8.21
CA VAL A 55 -4.55 -1.53 8.42
C VAL A 55 -5.24 -1.51 7.06
N GLN A 56 -4.71 -0.75 6.08
CA GLN A 56 -5.30 -0.70 4.74
C GLN A 56 -5.21 -2.06 4.03
N VAL A 57 -4.10 -2.77 4.17
CA VAL A 57 -3.95 -4.11 3.60
C VAL A 57 -4.90 -5.09 4.30
N TRP A 58 -5.11 -4.94 5.61
CA TRP A 58 -6.05 -5.80 6.34
C TRP A 58 -7.46 -5.60 5.82
N PHE A 59 -7.87 -4.35 5.56
CA PHE A 59 -9.21 -4.05 5.03
C PHE A 59 -9.37 -4.59 3.62
N GLN A 60 -8.30 -4.53 2.80
CA GLN A 60 -8.28 -5.05 1.43
C GLN A 60 -8.55 -6.56 1.47
N ASN A 61 -7.90 -7.27 2.40
CA ASN A 61 -8.07 -8.72 2.54
C ASN A 61 -9.37 -9.11 3.25
N ARG A 62 -9.85 -8.25 4.15
CA ARG A 62 -11.09 -8.49 4.87
C ARG A 62 -12.26 -8.35 3.92
N ARG A 63 -12.20 -7.40 2.96
CA ARG A 63 -13.26 -7.29 1.96
C ARG A 63 -13.20 -8.50 1.02
N ALA A 64 -12.00 -8.99 0.70
CA ALA A 64 -11.84 -10.15 -0.18
C ALA A 64 -12.44 -11.41 0.43
N LYS A 65 -12.27 -11.57 1.77
CA LYS A 65 -12.79 -12.68 2.56
C LYS A 65 -14.31 -12.58 2.66
N TRP A 66 -14.82 -11.37 2.85
CA TRP A 66 -16.25 -11.10 2.92
C TRP A 66 -16.94 -11.34 1.59
N ARG A 67 -16.33 -10.93 0.47
CA ARG A 67 -16.92 -11.09 -0.86
C ARG A 67 -17.08 -12.53 -1.22
N LYS A 68 -16.09 -13.36 -0.84
CA LYS A 68 -16.04 -14.78 -1.12
C LYS A 68 -17.20 -15.48 -0.43
N ARG A 69 -17.42 -15.18 0.85
CA ARG A 69 -18.48 -15.78 1.63
C ARG A 69 -19.87 -15.24 1.32
N GLU A 70 -19.96 -14.05 0.71
CA GLU A 70 -21.21 -13.36 0.43
C GLU A 70 -22.06 -13.96 -0.68
N ARG A 71 -23.39 -13.99 -0.46
CA ARG A 71 -24.33 -14.47 -1.46
C ARG A 71 -24.79 -13.35 -2.37
N TRP A 72 -24.98 -12.16 -1.82
CA TRP A 72 -25.58 -11.06 -2.54
C TRP A 72 -24.61 -10.22 -3.36
N SER A 73 -25.16 -9.57 -4.40
CA SER A 73 -24.53 -8.73 -5.41
C SER A 73 -23.79 -7.49 -4.87
N HIS A 74 -24.45 -6.69 -4.00
CA HIS A 74 -23.89 -5.47 -3.42
C HIS A 74 -23.24 -4.53 -4.45
N LYS B 10 -15.51 16.81 3.72
CA LYS B 10 -14.71 15.67 4.19
C LYS B 10 -13.91 14.99 3.07
N LYS B 11 -12.57 15.18 3.04
CA LYS B 11 -11.73 14.52 2.04
C LYS B 11 -11.45 13.09 2.49
N ARG B 12 -11.92 12.11 1.71
CA ARG B 12 -11.77 10.68 2.04
C ARG B 12 -10.32 10.19 2.05
N ARG B 13 -9.54 10.60 1.04
CA ARG B 13 -8.15 10.21 0.95
C ARG B 13 -7.24 11.42 0.93
N ASN B 14 -5.98 11.27 1.35
CA ASN B 14 -5.03 12.38 1.30
C ASN B 14 -4.02 12.18 0.16
N ARG B 15 -3.33 13.25 -0.27
CA ARG B 15 -2.42 13.16 -1.39
C ARG B 15 -1.00 13.62 -1.09
N THR B 16 0.00 12.87 -1.56
CA THR B 16 1.42 13.15 -1.40
C THR B 16 1.96 13.92 -2.61
N THR B 17 2.50 15.12 -2.40
CA THR B 17 3.09 15.90 -3.49
C THR B 17 4.61 15.72 -3.34
N PHE B 18 5.24 14.98 -4.26
CA PHE B 18 6.68 14.68 -4.15
C PHE B 18 7.57 15.83 -4.53
N THR B 19 8.71 15.96 -3.80
CA THR B 19 9.69 17.00 -4.11
C THR B 19 10.58 16.51 -5.26
N SER B 20 11.30 17.43 -5.93
CA SER B 20 12.16 17.04 -7.04
C SER B 20 13.23 16.04 -6.63
N TYR B 21 13.78 16.19 -5.41
CA TYR B 21 14.75 15.24 -4.86
C TYR B 21 14.10 13.86 -4.69
N GLN B 22 12.89 13.79 -4.12
CA GLN B 22 12.18 12.53 -3.91
C GLN B 22 11.98 11.82 -5.24
N LEU B 23 11.60 12.56 -6.29
CA LEU B 23 11.42 12.00 -7.62
C LEU B 23 12.74 11.53 -8.26
N GLU B 24 13.85 12.20 -7.97
CA GLU B 24 15.15 11.79 -8.51
C GLU B 24 15.53 10.45 -7.91
N GLU B 25 15.35 10.29 -6.59
CA GLU B 25 15.71 9.05 -5.91
C GLU B 25 14.79 7.88 -6.27
N LEU B 26 13.53 8.17 -6.60
CA LEU B 26 12.60 7.13 -7.01
C LEU B 26 13.02 6.70 -8.42
N GLU B 27 13.04 7.64 -9.38
CA GLU B 27 13.43 7.37 -10.76
C GLU B 27 14.80 6.70 -10.88
N LYS B 28 15.73 6.97 -9.93
CA LYS B 28 17.05 6.34 -9.92
C LYS B 28 16.91 4.83 -9.71
N VAL B 29 16.10 4.41 -8.72
CA VAL B 29 15.86 3.01 -8.44
C VAL B 29 15.04 2.36 -9.50
N PHE B 30 14.12 3.11 -10.17
CA PHE B 30 13.35 2.54 -11.27
C PHE B 30 14.30 2.17 -12.44
N GLN B 31 15.32 3.00 -12.73
CA GLN B 31 16.25 2.70 -13.81
C GLN B 31 17.21 1.55 -13.53
N LYS B 32 17.30 1.12 -12.27
CA LYS B 32 18.14 0.00 -11.89
C LYS B 32 17.29 -1.25 -11.90
N THR B 33 16.09 -1.15 -11.28
CA THR B 33 15.19 -2.27 -11.07
C THR B 33 13.74 -1.77 -11.10
N HIS B 34 12.91 -2.23 -12.07
CA HIS B 34 11.48 -1.81 -12.16
C HIS B 34 10.69 -2.35 -10.96
N TYR B 35 11.09 -3.52 -10.45
CA TYR B 35 10.45 -4.11 -9.30
C TYR B 35 11.47 -4.24 -8.16
N PRO B 36 11.69 -3.16 -7.39
CA PRO B 36 12.63 -3.25 -6.27
C PRO B 36 12.16 -4.23 -5.20
N ASP B 37 13.07 -4.93 -4.54
CA ASP B 37 12.69 -5.83 -3.45
C ASP B 37 12.35 -5.02 -2.17
N VAL B 38 11.85 -5.67 -1.10
CA VAL B 38 11.50 -4.96 0.12
C VAL B 38 12.70 -4.25 0.73
N TYR B 39 13.88 -4.88 0.67
CA TYR B 39 15.14 -4.32 1.17
C TYR B 39 15.50 -3.03 0.42
N ALA B 40 15.19 -2.97 -0.90
CA ALA B 40 15.48 -1.81 -1.73
C ALA B 40 14.48 -0.69 -1.47
N ARG B 41 13.20 -1.04 -1.23
CA ARG B 41 12.15 -0.08 -0.94
C ARG B 41 12.34 0.55 0.42
N GLU B 42 12.74 -0.27 1.42
CA GLU B 42 13.00 0.18 2.78
C GLU B 42 14.11 1.23 2.82
N GLN B 43 15.09 1.15 1.90
CA GLN B 43 16.17 2.13 1.84
C GLN B 43 15.66 3.47 1.32
N LEU B 44 14.81 3.46 0.28
CA LEU B 44 14.22 4.68 -0.28
C LEU B 44 13.34 5.38 0.72
N ALA B 45 12.64 4.61 1.55
CA ALA B 45 11.76 5.13 2.59
C ALA B 45 12.54 6.03 3.55
N MET B 46 13.80 5.67 3.86
CA MET B 46 14.65 6.47 4.72
C MET B 46 15.21 7.65 3.93
N ARG B 47 15.77 7.38 2.73
CA ARG B 47 16.41 8.39 1.89
C ARG B 47 15.48 9.51 1.47
N THR B 48 14.21 9.20 1.25
CA THR B 48 13.23 10.19 0.81
C THR B 48 12.20 10.61 1.87
N ASP B 49 12.32 10.09 3.11
CA ASP B 49 11.38 10.35 4.21
C ASP B 49 9.91 9.95 3.89
N LEU B 50 9.72 9.13 2.85
CA LEU B 50 8.41 8.63 2.48
C LEU B 50 8.20 7.29 3.19
N THR B 51 6.95 6.81 3.28
CA THR B 51 6.70 5.49 3.85
C THR B 51 6.98 4.45 2.77
N GLU B 52 7.30 3.22 3.17
CA GLU B 52 7.51 2.11 2.23
C GLU B 52 6.22 1.90 1.39
N ALA B 53 5.04 2.14 1.99
CA ALA B 53 3.74 2.07 1.33
C ALA B 53 3.65 3.03 0.14
N ARG B 54 4.07 4.32 0.30
CA ARG B 54 4.04 5.27 -0.81
C ARG B 54 5.05 4.90 -1.90
N VAL B 55 6.11 4.16 -1.55
CA VAL B 55 7.10 3.76 -2.55
C VAL B 55 6.52 2.64 -3.43
N GLN B 56 5.71 1.72 -2.82
CA GLN B 56 5.06 0.64 -3.57
C GLN B 56 4.13 1.34 -4.60
N VAL B 57 3.05 2.03 -4.10
CA VAL B 57 2.16 2.86 -4.93
C VAL B 57 2.93 3.68 -6.03
N TRP B 58 3.96 4.51 -5.63
CA TRP B 58 4.73 5.20 -6.71
C TRP B 58 5.22 4.28 -7.78
N PHE B 59 5.95 3.21 -7.38
CA PHE B 59 6.49 2.17 -8.29
C PHE B 59 5.43 1.47 -9.15
N GLN B 60 4.22 1.18 -8.61
CA GLN B 60 3.23 0.55 -9.48
C GLN B 60 2.65 1.55 -10.48
N ASN B 61 2.56 2.87 -10.15
CA ASN B 61 2.05 3.81 -11.16
C ASN B 61 3.13 4.03 -12.20
N ARG B 62 4.39 4.15 -11.74
CA ARG B 62 5.53 4.34 -12.61
C ARG B 62 5.67 3.17 -13.59
N ARG B 63 5.29 1.95 -13.15
CA ARG B 63 5.37 0.77 -14.01
C ARG B 63 4.28 0.81 -15.04
N ALA B 64 3.05 1.14 -14.62
CA ALA B 64 1.88 1.26 -15.49
C ALA B 64 2.15 2.29 -16.58
N LYS B 65 2.74 3.44 -16.19
CA LYS B 65 3.11 4.57 -17.03
C LYS B 65 4.09 4.12 -18.10
N TRP B 66 5.09 3.33 -17.70
CA TRP B 66 6.13 2.79 -18.55
C TRP B 66 5.59 1.78 -19.56
N ARG B 67 4.70 0.88 -19.14
CA ARG B 67 4.15 -0.12 -20.05
C ARG B 67 3.34 0.54 -21.16
N LYS B 68 2.67 1.68 -20.88
CA LYS B 68 1.87 2.43 -21.86
C LYS B 68 2.73 2.97 -23.02
N ARG B 69 3.88 3.55 -22.70
CA ARG B 69 4.94 3.84 -23.66
C ARG B 69 5.30 2.67 -24.58
N GLU B 70 5.58 1.47 -24.03
CA GLU B 70 5.94 0.30 -24.84
C GLU B 70 4.82 -0.10 -25.79
N ARG B 71 3.57 0.03 -25.35
CA ARG B 71 2.41 -0.32 -26.18
C ARG B 71 2.24 0.67 -27.34
N TRP B 72 2.63 1.94 -27.15
CA TRP B 72 2.55 2.98 -28.17
C TRP B 72 3.71 2.84 -29.19
N SER B 73 4.92 2.47 -28.72
CA SER B 73 6.09 2.28 -29.59
C SER B 73 6.42 0.79 -29.80
N HIS B 74 5.40 0.00 -30.17
CA HIS B 74 5.55 -1.44 -30.43
C HIS B 74 6.02 -1.79 -31.88
N PRO B 75 5.70 -1.01 -32.97
CA PRO B 75 6.20 -1.40 -34.31
C PRO B 75 7.65 -0.99 -34.59
#